data_1IDR
#
_entry.id   1IDR
#
_cell.length_a   44.800
_cell.length_b   62.248
_cell.length_c   91.020
_cell.angle_alpha   90.00
_cell.angle_beta   90.00
_cell.angle_gamma   90.00
#
_symmetry.space_group_name_H-M   'P 21 21 21'
#
loop_
_entity.id
_entity.type
_entity.pdbx_description
1 polymer 'HEMOGLOBIN HBN'
2 non-polymer 'PHOSPHATE ION'
3 non-polymer 'PROTOPORPHYRIN IX CONTAINING FE'
4 non-polymer 'OXYGEN MOLECULE'
5 water water
#
_entity_poly.entity_id   1
_entity_poly.type   'polypeptide(L)'
_entity_poly.pdbx_seq_one_letter_code
;MGLLSRLRKREPISIYDKIGGHEAIEVVVEDFYVRVLADDQLSAFFSGTNMSRLKGKQVEFFAAALGGPEPYTGAPMKQV
HQGRGITMHHFSLVAGHLADALTAAGVPSETITEILGVIAPLAVDVTSGESTTAPV
;
_entity_poly.pdbx_strand_id   A,B
#
loop_
_chem_comp.id
_chem_comp.type
_chem_comp.name
_chem_comp.formula
HEM non-polymer 'PROTOPORPHYRIN IX CONTAINING FE' 'C34 H32 Fe N4 O4'
OXY non-polymer 'OXYGEN MOLECULE' O2
PO4 non-polymer 'PHOSPHATE ION' 'O4 P -3'
#
# COMPACT_ATOMS: atom_id res chain seq x y z
N GLY A 2 -25.05 -12.75 -11.68
CA GLY A 2 -24.27 -11.53 -11.32
C GLY A 2 -24.93 -10.71 -10.23
N LEU A 3 -24.31 -9.58 -9.90
CA LEU A 3 -24.86 -8.71 -8.86
C LEU A 3 -26.27 -8.29 -9.24
N LEU A 4 -26.55 -8.18 -10.53
CA LEU A 4 -27.85 -7.64 -10.89
C LEU A 4 -28.91 -8.68 -10.54
N SER A 5 -28.59 -9.93 -10.80
CA SER A 5 -29.53 -11.00 -10.53
C SER A 5 -29.71 -11.10 -9.03
N ARG A 6 -28.66 -11.00 -8.29
CA ARG A 6 -28.74 -11.06 -6.82
C ARG A 6 -29.65 -9.96 -6.24
N LEU A 7 -29.53 -8.73 -6.75
CA LEU A 7 -30.37 -7.67 -6.24
C LEU A 7 -31.86 -7.91 -6.58
N ARG A 8 -32.13 -8.45 -7.76
CA ARG A 8 -33.50 -8.74 -8.14
C ARG A 8 -34.12 -9.75 -7.21
N LYS A 9 -33.26 -10.48 -6.51
CA LYS A 9 -33.69 -11.50 -5.56
C LYS A 9 -33.65 -10.92 -4.14
N ARG A 10 -33.41 -9.63 -4.01
CA ARG A 10 -33.33 -9.02 -2.69
C ARG A 10 -32.26 -9.66 -1.79
N GLU A 11 -31.16 -10.10 -2.38
CA GLU A 11 -30.00 -10.59 -1.62
C GLU A 11 -29.04 -9.43 -1.32
N PRO A 12 -28.53 -9.38 -0.10
CA PRO A 12 -27.61 -8.33 0.30
C PRO A 12 -26.33 -8.44 -0.51
N ILE A 13 -25.73 -7.28 -0.77
CA ILE A 13 -24.55 -7.19 -1.61
C ILE A 13 -23.37 -7.77 -0.84
N SER A 14 -22.69 -8.74 -1.43
CA SER A 14 -21.51 -9.36 -0.81
C SER A 14 -20.26 -8.47 -0.83
N ILE A 15 -19.24 -8.84 -0.06
CA ILE A 15 -17.96 -8.13 -0.12
C ILE A 15 -17.37 -8.23 -1.58
N TYR A 16 -17.31 -9.47 -2.07
CA TYR A 16 -16.91 -9.79 -3.45
C TYR A 16 -17.49 -8.74 -4.38
N ASP A 17 -18.79 -8.54 -4.24
CA ASP A 17 -19.50 -7.67 -5.18
C ASP A 17 -19.15 -6.22 -4.96
N LYS A 18 -19.04 -5.81 -3.70
CA LYS A 18 -18.80 -4.40 -3.41
C LYS A 18 -17.40 -3.89 -3.70
N ILE A 19 -16.41 -4.78 -3.76
CA ILE A 19 -15.05 -4.36 -4.15
C ILE A 19 -14.77 -4.55 -5.64
N GLY A 20 -15.76 -4.98 -6.41
CA GLY A 20 -15.59 -5.06 -7.86
C GLY A 20 -15.47 -6.47 -8.44
N GLY A 21 -15.88 -7.45 -7.66
CA GLY A 21 -15.98 -8.81 -8.18
C GLY A 21 -14.69 -9.44 -8.68
N HIS A 22 -14.82 -10.38 -9.60
CA HIS A 22 -13.68 -11.22 -10.02
C HIS A 22 -12.47 -10.41 -10.49
N GLU A 23 -12.71 -9.41 -11.29
CA GLU A 23 -11.63 -8.58 -11.79
C GLU A 23 -10.89 -7.88 -10.66
N ALA A 24 -11.61 -7.37 -9.70
CA ALA A 24 -10.95 -6.69 -8.58
C ALA A 24 -10.04 -7.69 -7.82
N ILE A 25 -10.55 -8.90 -7.60
CA ILE A 25 -9.80 -9.91 -6.86
C ILE A 25 -8.55 -10.35 -7.60
N GLU A 26 -8.66 -10.52 -8.91
CA GLU A 26 -7.48 -10.89 -9.68
C GLU A 26 -6.37 -9.86 -9.48
N VAL A 27 -6.72 -8.59 -9.58
CA VAL A 27 -5.71 -7.53 -9.50
C VAL A 27 -5.08 -7.51 -8.11
N VAL A 28 -5.92 -7.59 -7.10
CA VAL A 28 -5.46 -7.66 -5.73
C VAL A 28 -4.50 -8.81 -5.50
N VAL A 29 -4.91 -10.01 -5.91
CA VAL A 29 -4.07 -11.18 -5.69
C VAL A 29 -2.74 -11.12 -6.39
N GLU A 30 -2.72 -10.57 -7.60
CA GLU A 30 -1.48 -10.40 -8.34
C GLU A 30 -0.54 -9.48 -7.56
N ASP A 31 -1.07 -8.34 -7.12
CA ASP A 31 -0.27 -7.39 -6.32
C ASP A 31 0.16 -7.96 -4.97
N PHE A 32 -0.76 -8.70 -4.33
CA PHE A 32 -0.48 -9.39 -3.08
C PHE A 32 0.79 -10.24 -3.14
N TYR A 33 0.90 -11.10 -4.14
CA TYR A 33 2.05 -12.00 -4.18
C TYR A 33 3.36 -11.31 -4.57
N VAL A 34 3.25 -10.22 -5.33
CA VAL A 34 4.42 -9.39 -5.60
C VAL A 34 4.98 -8.97 -4.27
N ARG A 35 4.09 -8.45 -3.42
CA ARG A 35 4.49 -8.04 -2.07
C ARG A 35 5.06 -9.14 -1.24
N VAL A 36 4.37 -10.28 -1.21
CA VAL A 36 4.78 -11.35 -0.36
C VAL A 36 6.17 -11.85 -0.78
N LEU A 37 6.37 -11.99 -2.08
CA LEU A 37 7.65 -12.47 -2.58
C LEU A 37 8.80 -11.52 -2.42
N ALA A 38 8.52 -10.23 -2.20
CA ALA A 38 9.56 -9.20 -2.04
C ALA A 38 9.95 -9.04 -0.57
N ASP A 39 9.18 -9.69 0.28
CA ASP A 39 9.42 -9.64 1.72
C ASP A 39 10.39 -10.78 2.04
N ASP A 40 11.63 -10.44 2.45
CA ASP A 40 12.63 -11.49 2.74
C ASP A 40 12.23 -12.39 3.91
N GLN A 41 11.29 -11.92 4.73
CA GLN A 41 10.75 -12.78 5.79
C GLN A 41 9.76 -13.86 5.31
N LEU A 42 9.32 -13.75 4.06
CA LEU A 42 8.27 -14.65 3.55
C LEU A 42 8.64 -15.44 2.30
N SER A 43 9.48 -14.84 1.46
CA SER A 43 9.71 -15.40 0.13
C SER A 43 10.14 -16.87 0.08
N ALA A 44 11.00 -17.29 1.02
CA ALA A 44 11.50 -18.68 1.02
C ALA A 44 10.40 -19.76 1.17
N PHE A 45 9.27 -19.41 1.78
CA PHE A 45 8.20 -20.41 1.95
C PHE A 45 7.70 -20.86 0.59
N PHE A 46 7.92 -20.01 -0.42
CA PHE A 46 7.30 -20.24 -1.74
C PHE A 46 8.32 -20.73 -2.77
N SER A 47 9.52 -21.00 -2.27
CA SER A 47 10.65 -21.43 -3.08
C SER A 47 10.33 -22.59 -4.03
N GLY A 48 9.52 -23.53 -3.57
CA GLY A 48 9.14 -24.68 -4.38
C GLY A 48 7.81 -24.58 -5.12
N THR A 49 7.28 -23.36 -5.22
CA THR A 49 5.92 -23.15 -5.71
C THR A 49 5.74 -22.63 -7.14
N ASN A 50 4.77 -23.22 -7.83
CA ASN A 50 4.35 -22.70 -9.10
C ASN A 50 3.43 -21.54 -8.83
N MET A 51 3.95 -20.32 -8.90
CA MET A 51 3.14 -19.17 -8.58
C MET A 51 1.92 -18.95 -9.47
N SER A 52 2.01 -19.29 -10.75
CA SER A 52 0.83 -19.14 -11.62
C SER A 52 -0.35 -19.95 -11.10
N ARG A 53 -0.07 -21.19 -10.73
CA ARG A 53 -1.09 -22.10 -10.26
C ARG A 53 -1.68 -21.64 -8.93
N LEU A 54 -0.78 -21.32 -7.99
CA LEU A 54 -1.14 -20.75 -6.68
C LEU A 54 -2.02 -19.50 -6.83
N LYS A 55 -1.51 -18.47 -7.48
CA LYS A 55 -2.33 -17.29 -7.68
C LYS A 55 -3.68 -17.68 -8.22
N GLY A 56 -3.73 -18.65 -9.12
CA GLY A 56 -5.02 -19.10 -9.64
C GLY A 56 -5.94 -19.65 -8.54
N LYS A 57 -5.41 -20.54 -7.71
CA LYS A 57 -6.17 -21.06 -6.56
C LYS A 57 -6.56 -19.95 -5.54
N GLN A 58 -5.70 -18.97 -5.32
CA GLN A 58 -5.97 -17.91 -4.35
C GLN A 58 -7.09 -16.99 -4.81
N VAL A 59 -7.17 -16.76 -6.11
CA VAL A 59 -8.27 -15.99 -6.67
C VAL A 59 -9.59 -16.72 -6.41
N GLU A 60 -9.59 -18.04 -6.61
CA GLU A 60 -10.80 -18.84 -6.33
C GLU A 60 -11.14 -18.84 -4.85
N PHE A 61 -10.16 -19.16 -4.01
CA PHE A 61 -10.39 -19.17 -2.58
C PHE A 61 -10.94 -17.84 -2.06
N PHE A 62 -10.29 -16.74 -2.45
CA PHE A 62 -10.61 -15.39 -1.95
C PHE A 62 -11.98 -14.97 -2.46
N ALA A 63 -12.25 -15.23 -3.73
CA ALA A 63 -13.58 -14.94 -4.27
C ALA A 63 -14.67 -15.66 -3.46
N ALA A 64 -14.48 -16.96 -3.22
CA ALA A 64 -15.52 -17.73 -2.52
C ALA A 64 -15.68 -17.27 -1.08
N ALA A 65 -14.57 -16.91 -0.46
CA ALA A 65 -14.54 -16.51 0.94
C ALA A 65 -15.35 -15.22 1.10
N LEU A 66 -15.31 -14.42 0.05
CA LEU A 66 -15.92 -13.10 0.09
C LEU A 66 -17.27 -13.06 -0.59
N GLY A 67 -17.79 -14.21 -0.96
CA GLY A 67 -19.14 -14.27 -1.48
C GLY A 67 -19.35 -14.49 -2.96
N GLY A 68 -18.28 -14.62 -3.71
CA GLY A 68 -18.34 -14.87 -5.17
C GLY A 68 -18.94 -16.24 -5.47
N PRO A 69 -19.37 -16.48 -6.69
CA PRO A 69 -20.02 -17.77 -7.04
C PRO A 69 -19.07 -18.84 -7.57
N GLU A 70 -17.82 -18.49 -7.80
CA GLU A 70 -16.85 -19.42 -8.37
C GLU A 70 -16.45 -20.52 -7.37
N PRO A 71 -16.30 -21.74 -7.88
CA PRO A 71 -15.85 -22.87 -7.07
C PRO A 71 -14.38 -22.73 -6.73
N TYR A 72 -14.04 -23.11 -5.51
CA TYR A 72 -12.65 -23.24 -5.12
C TYR A 72 -12.19 -24.62 -5.56
N THR A 73 -11.17 -24.70 -6.39
CA THR A 73 -10.69 -26.01 -6.84
C THR A 73 -9.39 -26.48 -6.19
N GLY A 74 -9.02 -25.85 -5.08
CA GLY A 74 -7.79 -26.22 -4.42
C GLY A 74 -7.95 -27.18 -3.27
N ALA A 75 -6.84 -27.38 -2.57
CA ALA A 75 -6.80 -28.30 -1.44
C ALA A 75 -7.20 -27.55 -0.22
N PRO A 76 -7.57 -28.30 0.81
CA PRO A 76 -8.00 -27.69 2.06
C PRO A 76 -6.86 -26.92 2.74
N MET A 77 -7.23 -25.86 3.45
CA MET A 77 -6.26 -24.95 4.09
C MET A 77 -5.38 -25.65 5.09
N LYS A 78 -5.96 -26.45 5.98
CA LYS A 78 -5.19 -27.11 7.02
C LYS A 78 -4.16 -28.04 6.40
N GLN A 79 -4.56 -28.82 5.41
CA GLN A 79 -3.64 -29.81 4.82
C GLN A 79 -2.46 -29.14 4.10
N VAL A 80 -2.80 -28.11 3.32
CA VAL A 80 -1.81 -27.42 2.51
C VAL A 80 -0.73 -26.79 3.37
N HIS A 81 -1.14 -26.16 4.48
CA HIS A 81 -0.21 -25.36 5.28
C HIS A 81 0.45 -26.09 6.45
N GLN A 82 -0.21 -27.13 6.97
CA GLN A 82 0.33 -27.91 8.11
C GLN A 82 1.74 -28.35 7.73
N GLY A 83 2.66 -28.28 8.70
CA GLY A 83 4.02 -28.76 8.50
C GLY A 83 5.00 -27.73 7.95
N ARG A 84 4.48 -26.58 7.54
CA ARG A 84 5.31 -25.59 6.87
C ARG A 84 6.03 -24.58 7.78
N GLY A 85 5.89 -24.78 9.09
CA GLY A 85 6.56 -23.89 10.03
C GLY A 85 6.09 -22.44 9.94
N ILE A 86 4.84 -22.23 9.56
CA ILE A 86 4.30 -20.89 9.45
C ILE A 86 3.79 -20.48 10.83
N THR A 87 4.34 -19.39 11.40
CA THR A 87 3.87 -18.88 12.70
C THR A 87 2.87 -17.73 12.57
N MET A 88 2.32 -17.30 13.70
CA MET A 88 1.39 -16.15 13.63
C MET A 88 2.17 -14.90 13.12
N HIS A 89 3.45 -14.83 13.42
CA HIS A 89 4.28 -13.72 12.93
C HIS A 89 4.21 -13.66 11.38
N HIS A 90 4.39 -14.81 10.75
CA HIS A 90 4.37 -14.90 9.30
C HIS A 90 2.95 -14.61 8.77
N PHE A 91 1.95 -15.25 9.37
CA PHE A 91 0.54 -15.08 8.95
C PHE A 91 0.19 -13.59 8.99
N SER A 92 0.66 -12.90 10.03
CA SER A 92 0.37 -11.46 10.21
C SER A 92 1.03 -10.63 9.12
N LEU A 93 2.29 -10.93 8.86
CA LEU A 93 2.97 -10.31 7.75
C LEU A 93 2.17 -10.51 6.46
N VAL A 94 1.71 -11.74 6.21
CA VAL A 94 0.96 -12.00 4.99
C VAL A 94 -0.35 -11.18 4.97
N ALA A 95 -0.99 -11.11 6.12
CA ALA A 95 -2.21 -10.32 6.22
C ALA A 95 -1.95 -8.84 5.90
N GLY A 96 -0.81 -8.34 6.35
CA GLY A 96 -0.43 -6.96 6.09
C GLY A 96 -0.27 -6.66 4.61
N HIS A 97 0.37 -7.56 3.90
CA HIS A 97 0.51 -7.42 2.46
C HIS A 97 -0.85 -7.51 1.73
N LEU A 98 -1.76 -8.33 2.24
CA LEU A 98 -3.12 -8.36 1.67
C LEU A 98 -3.81 -7.01 1.88
N ALA A 99 -3.70 -6.47 3.09
CA ALA A 99 -4.34 -5.17 3.38
C ALA A 99 -3.73 -4.09 2.50
N ASP A 100 -2.42 -4.16 2.34
CA ASP A 100 -1.67 -3.23 1.50
C ASP A 100 -2.11 -3.28 0.05
N ALA A 101 -2.25 -4.48 -0.49
CA ALA A 101 -2.73 -4.66 -1.83
C ALA A 101 -4.13 -4.11 -1.95
N LEU A 102 -5.00 -4.43 -1.00
CA LEU A 102 -6.37 -3.90 -1.06
C LEU A 102 -6.36 -2.37 -1.02
N THR A 103 -5.57 -1.83 -0.09
CA THR A 103 -5.40 -0.38 0.03
C THR A 103 -4.96 0.24 -1.30
N ALA A 104 -3.95 -0.37 -1.88
CA ALA A 104 -3.45 0.09 -3.15
C ALA A 104 -4.50 0.07 -4.27
N ALA A 105 -5.46 -0.85 -4.20
CA ALA A 105 -6.51 -0.96 -5.22
C ALA A 105 -7.69 -0.04 -4.95
N GLY A 106 -7.59 0.71 -3.87
CA GLY A 106 -8.58 1.71 -3.56
C GLY A 106 -9.77 1.20 -2.78
N VAL A 107 -9.64 0.03 -2.17
CA VAL A 107 -10.71 -0.47 -1.32
C VAL A 107 -10.78 0.37 -0.02
N PRO A 108 -11.95 0.88 0.34
CA PRO A 108 -12.08 1.64 1.59
C PRO A 108 -11.55 0.88 2.76
N SER A 109 -10.92 1.57 3.71
CA SER A 109 -10.34 0.90 4.86
C SER A 109 -11.36 0.15 5.72
N GLU A 110 -12.59 0.64 5.83
CA GLU A 110 -13.60 -0.08 6.60
C GLU A 110 -13.87 -1.46 5.98
N THR A 111 -13.82 -1.54 4.66
CA THR A 111 -14.00 -2.83 3.99
C THR A 111 -12.78 -3.75 4.10
N ILE A 112 -11.61 -3.17 4.18
CA ILE A 112 -10.42 -4.00 4.37
C ILE A 112 -10.44 -4.66 5.73
N THR A 113 -10.92 -3.92 6.72
CA THR A 113 -11.05 -4.43 8.08
C THR A 113 -12.05 -5.58 8.08
N GLU A 114 -13.12 -5.41 7.32
CA GLU A 114 -14.13 -6.44 7.21
C GLU A 114 -13.54 -7.70 6.57
N ILE A 115 -12.73 -7.52 5.53
CA ILE A 115 -12.06 -8.65 4.89
C ILE A 115 -11.08 -9.33 5.83
N LEU A 116 -10.27 -8.55 6.53
CA LEU A 116 -9.35 -9.14 7.51
C LEU A 116 -10.13 -9.96 8.55
N GLY A 117 -11.37 -9.55 8.81
CA GLY A 117 -12.24 -10.24 9.74
C GLY A 117 -12.62 -11.62 9.23
N VAL A 118 -12.65 -11.78 7.91
CA VAL A 118 -12.97 -13.08 7.32
C VAL A 118 -11.73 -13.95 7.26
N ILE A 119 -10.60 -13.34 7.01
CA ILE A 119 -9.37 -14.11 6.83
C ILE A 119 -8.69 -14.49 8.19
N ALA A 120 -8.75 -13.59 9.17
CA ALA A 120 -8.00 -13.82 10.42
C ALA A 120 -8.24 -15.15 11.11
N PRO A 121 -9.48 -15.62 11.14
CA PRO A 121 -9.77 -16.92 11.75
C PRO A 121 -9.13 -18.08 11.01
N LEU A 122 -8.76 -17.90 9.75
CA LEU A 122 -8.08 -18.96 9.04
C LEU A 122 -6.72 -19.28 9.65
N ALA A 123 -6.16 -18.36 10.42
CA ALA A 123 -4.84 -18.61 10.96
C ALA A 123 -4.82 -19.91 11.74
N VAL A 124 -5.98 -20.26 12.28
CA VAL A 124 -6.11 -21.49 13.03
C VAL A 124 -5.66 -22.68 12.18
N ASP A 125 -6.11 -22.72 10.93
CA ASP A 125 -5.68 -23.74 9.98
C ASP A 125 -4.30 -23.49 9.38
N VAL A 126 -3.91 -22.22 9.29
CA VAL A 126 -2.68 -21.88 8.61
C VAL A 126 -1.40 -22.03 9.43
N THR A 127 -1.41 -21.65 10.70
CA THR A 127 -0.15 -21.57 11.43
C THR A 127 0.30 -22.88 12.06
N SER A 128 1.59 -23.16 11.91
CA SER A 128 2.21 -24.38 12.42
C SER A 128 1.39 -25.02 13.53
N GLY B 2 -10.24 16.23 -10.94
CA GLY B 2 -9.35 17.25 -10.33
C GLY B 2 -10.04 18.07 -9.27
N LEU B 3 -9.40 19.19 -8.89
CA LEU B 3 -9.94 20.09 -7.86
C LEU B 3 -11.34 20.59 -8.23
N LEU B 4 -11.57 20.85 -9.50
CA LEU B 4 -12.86 21.41 -9.90
C LEU B 4 -13.98 20.42 -9.63
N SER B 5 -13.74 19.15 -9.94
CA SER B 5 -14.76 18.12 -9.69
C SER B 5 -14.97 17.91 -8.20
N ARG B 6 -13.86 17.96 -7.47
CA ARG B 6 -13.96 17.78 -6.04
C ARG B 6 -14.76 18.90 -5.39
N LEU B 7 -14.46 20.15 -5.75
CA LEU B 7 -15.22 21.26 -5.22
C LEU B 7 -16.69 21.17 -5.56
N ARG B 8 -17.01 20.67 -6.77
CA ARG B 8 -18.40 20.49 -7.13
C ARG B 8 -19.06 19.41 -6.28
N LYS B 9 -18.26 18.54 -5.68
CA LYS B 9 -18.81 17.52 -4.77
C LYS B 9 -18.88 18.01 -3.31
N ARG B 10 -18.49 19.27 -3.10
CA ARG B 10 -18.42 19.90 -1.78
C ARG B 10 -17.39 19.31 -0.84
N GLU B 11 -16.33 18.74 -1.42
CA GLU B 11 -15.19 18.25 -0.65
C GLU B 11 -14.33 19.44 -0.21
N PRO B 12 -13.79 19.36 0.98
CA PRO B 12 -12.95 20.45 1.50
C PRO B 12 -11.66 20.45 0.71
N ILE B 13 -11.03 21.61 0.52
CA ILE B 13 -9.78 21.68 -0.18
C ILE B 13 -8.67 20.97 0.58
N SER B 14 -8.08 19.96 -0.04
CA SER B 14 -6.95 19.28 0.59
C SER B 14 -5.63 20.06 0.46
N ILE B 15 -4.63 19.67 1.25
CA ILE B 15 -3.27 20.20 1.08
C ILE B 15 -2.74 19.96 -0.37
N TYR B 16 -2.94 18.73 -0.84
CA TYR B 16 -2.64 18.34 -2.22
C TYR B 16 -3.13 19.34 -3.26
N ASP B 17 -4.41 19.67 -3.17
CA ASP B 17 -5.01 20.57 -4.15
C ASP B 17 -4.48 21.97 -3.97
N LYS B 18 -4.30 22.30 -2.70
CA LYS B 18 -3.81 23.57 -2.21
C LYS B 18 -2.48 23.95 -2.84
N ILE B 19 -1.57 23.00 -3.00
CA ILE B 19 -0.21 23.29 -3.46
C ILE B 19 -0.05 23.06 -4.96
N GLY B 20 -1.15 22.75 -5.63
CA GLY B 20 -1.07 22.55 -7.08
C GLY B 20 -1.25 21.12 -7.53
N GLY B 21 -1.54 20.21 -6.60
CA GLY B 21 -1.90 18.86 -6.99
C GLY B 21 -0.77 18.03 -7.58
N HIS B 22 -1.12 16.99 -8.35
CA HIS B 22 -0.14 16.06 -8.88
C HIS B 22 1.09 16.69 -9.57
N GLU B 23 0.87 17.70 -10.40
CA GLU B 23 1.97 18.26 -11.17
C GLU B 23 2.91 19.03 -10.25
N ALA B 24 2.37 19.68 -9.23
CA ALA B 24 3.23 20.40 -8.30
C ALA B 24 4.15 19.46 -7.48
N ILE B 25 3.60 18.33 -7.04
CA ILE B 25 4.34 17.40 -6.22
C ILE B 25 5.46 16.76 -7.05
N GLU B 26 5.18 16.51 -8.34
CA GLU B 26 6.20 15.96 -9.23
C GLU B 26 7.42 16.85 -9.22
N VAL B 27 7.19 18.15 -9.31
CA VAL B 27 8.29 19.10 -9.39
C VAL B 27 9.00 19.16 -8.08
N VAL B 28 8.24 19.15 -6.99
CA VAL B 28 8.91 19.25 -5.71
C VAL B 28 9.76 18.01 -5.46
N VAL B 29 9.18 16.83 -5.69
CA VAL B 29 9.91 15.59 -5.43
C VAL B 29 11.22 15.52 -6.20
N GLU B 30 11.16 15.91 -7.47
CA GLU B 30 12.34 15.93 -8.32
C GLU B 30 13.45 16.79 -7.68
N ASP B 31 13.09 17.98 -7.22
CA ASP B 31 14.04 18.87 -6.56
C ASP B 31 14.51 18.38 -5.18
N PHE B 32 13.57 17.85 -4.41
CA PHE B 32 13.85 17.17 -3.15
C PHE B 32 15.01 16.19 -3.32
N TYR B 33 14.91 15.33 -4.31
CA TYR B 33 15.95 14.33 -4.50
C TYR B 33 17.27 14.90 -5.04
N VAL B 34 17.19 16.03 -5.72
CA VAL B 34 18.39 16.75 -6.09
C VAL B 34 19.15 17.07 -4.81
N ARG B 35 18.48 17.70 -3.85
CA ARG B 35 19.08 18.11 -2.60
C ARG B 35 19.55 16.95 -1.72
N VAL B 36 18.74 15.89 -1.68
CA VAL B 36 19.07 14.75 -0.83
C VAL B 36 20.35 14.09 -1.32
N LEU B 37 20.35 13.70 -2.59
CA LEU B 37 21.57 13.16 -3.19
C LEU B 37 22.85 14.02 -3.13
N ALA B 38 22.71 15.33 -2.97
CA ALA B 38 23.89 16.21 -2.81
C ALA B 38 24.41 16.30 -1.38
N ASP B 39 23.66 15.75 -0.43
CA ASP B 39 24.06 15.84 0.97
C ASP B 39 24.91 14.63 1.33
N ASP B 40 26.19 14.82 1.58
CA ASP B 40 27.09 13.68 1.80
C ASP B 40 26.65 12.72 2.91
N GLN B 41 25.92 13.24 3.88
CA GLN B 41 25.43 12.40 4.95
C GLN B 41 24.28 11.49 4.51
N LEU B 42 23.68 11.78 3.36
CA LEU B 42 22.49 11.04 2.92
C LEU B 42 22.67 10.23 1.65
N SER B 43 23.59 10.67 0.79
CA SER B 43 23.76 10.06 -0.52
C SER B 43 23.95 8.52 -0.54
N ALA B 44 24.82 8.02 0.32
CA ALA B 44 25.19 6.60 0.30
C ALA B 44 24.00 5.64 0.51
N PHE B 45 22.96 6.12 1.19
CA PHE B 45 21.76 5.32 1.34
C PHE B 45 21.13 5.00 0.00
N PHE B 46 21.32 5.86 -1.00
CA PHE B 46 20.67 5.61 -2.29
C PHE B 46 21.55 4.95 -3.36
N SER B 47 22.65 4.37 -2.93
CA SER B 47 23.56 3.69 -3.84
C SER B 47 22.85 2.55 -4.55
N GLY B 48 22.76 2.65 -5.86
CA GLY B 48 22.16 1.60 -6.67
C GLY B 48 20.64 1.57 -6.71
N THR B 49 20.01 2.58 -6.11
CA THR B 49 18.57 2.76 -6.06
C THR B 49 17.99 3.08 -7.44
N ASN B 50 16.82 2.51 -7.83
CA ASN B 50 16.15 2.99 -9.03
C ASN B 50 15.43 4.32 -8.74
N MET B 51 16.15 5.42 -8.90
CA MET B 51 15.65 6.72 -8.49
C MET B 51 14.35 7.02 -9.20
N SER B 52 14.24 6.54 -10.42
CA SER B 52 13.05 6.74 -11.23
C SER B 52 11.84 6.18 -10.50
N ARG B 53 11.87 4.88 -10.19
CA ARG B 53 10.77 4.26 -9.45
C ARG B 53 10.56 4.97 -8.12
N LEU B 54 11.63 5.19 -7.36
CA LEU B 54 11.51 5.87 -6.08
C LEU B 54 10.75 7.18 -6.23
N LYS B 55 11.20 8.06 -7.12
CA LYS B 55 10.49 9.33 -7.28
C LYS B 55 9.01 9.12 -7.55
N GLY B 56 8.68 8.16 -8.41
CA GLY B 56 7.28 7.92 -8.73
C GLY B 56 6.48 7.53 -7.49
N LYS B 57 7.08 6.63 -6.71
CA LYS B 57 6.47 6.12 -5.47
C LYS B 57 6.38 7.26 -4.45
N GLN B 58 7.41 8.12 -4.38
CA GLN B 58 7.35 9.31 -3.52
C GLN B 58 6.21 10.27 -3.90
N VAL B 59 6.04 10.51 -5.20
CA VAL B 59 4.89 11.31 -5.65
C VAL B 59 3.59 10.68 -5.16
N GLU B 60 3.46 9.36 -5.26
CA GLU B 60 2.19 8.75 -4.86
C GLU B 60 2.04 8.93 -3.37
N PHE B 61 3.14 8.73 -2.63
CA PHE B 61 3.05 8.73 -1.17
C PHE B 61 2.66 10.09 -0.61
N PHE B 62 3.44 11.11 -0.97
CA PHE B 62 3.15 12.48 -0.56
C PHE B 62 1.76 12.89 -0.97
N ALA B 63 1.40 12.57 -2.21
CA ALA B 63 0.08 12.98 -2.70
C ALA B 63 -1.02 12.41 -1.82
N ALA B 64 -0.87 11.13 -1.47
CA ALA B 64 -1.91 10.48 -0.66
C ALA B 64 -1.94 11.02 0.76
N ALA B 65 -0.74 11.12 1.33
CA ALA B 65 -0.54 11.68 2.66
C ALA B 65 -1.13 13.09 2.75
N LEU B 66 -1.09 13.82 1.63
CA LEU B 66 -1.58 15.20 1.62
C LEU B 66 -3.06 15.35 1.22
N GLY B 67 -3.80 14.24 1.19
CA GLY B 67 -5.24 14.27 0.95
C GLY B 67 -5.64 14.14 -0.51
N GLY B 68 -4.66 13.81 -1.35
CA GLY B 68 -4.90 13.60 -2.77
C GLY B 68 -5.86 12.45 -2.98
N PRO B 69 -6.34 12.31 -4.21
CA PRO B 69 -7.36 11.30 -4.54
C PRO B 69 -6.90 9.85 -4.82
N GLU B 70 -5.64 9.63 -5.20
CA GLU B 70 -5.21 8.28 -5.56
C GLU B 70 -4.49 7.60 -4.43
N PRO B 71 -4.68 6.28 -4.30
CA PRO B 71 -4.00 5.56 -3.22
C PRO B 71 -2.51 5.44 -3.48
N TYR B 72 -1.74 5.29 -2.39
CA TYR B 72 -0.33 4.96 -2.48
C TYR B 72 -0.21 3.47 -2.74
N THR B 73 0.60 3.11 -3.73
CA THR B 73 0.70 1.72 -4.14
C THR B 73 2.05 1.12 -3.78
N GLY B 74 2.91 1.88 -3.09
CA GLY B 74 4.22 1.38 -2.75
C GLY B 74 4.25 0.54 -1.47
N ALA B 75 5.46 0.31 -0.96
CA ALA B 75 5.65 -0.46 0.26
C ALA B 75 5.50 0.46 1.44
N PRO B 76 5.06 -0.10 2.56
CA PRO B 76 4.82 0.69 3.76
C PRO B 76 6.14 1.25 4.30
N MET B 77 6.06 2.37 5.01
CA MET B 77 7.28 3.05 5.45
C MET B 77 8.20 2.19 6.34
N LYS B 78 7.63 1.41 7.26
CA LYS B 78 8.48 0.67 8.20
C LYS B 78 9.28 -0.38 7.47
N GLN B 79 8.59 -1.10 6.61
CA GLN B 79 9.21 -2.21 5.91
C GLN B 79 10.30 -1.69 5.01
N VAL B 80 10.01 -0.64 4.28
CA VAL B 80 10.98 -0.22 3.27
C VAL B 80 12.26 0.37 3.91
N HIS B 81 12.12 1.02 5.07
CA HIS B 81 13.27 1.64 5.73
C HIS B 81 13.99 0.72 6.75
N GLN B 82 13.39 -0.42 7.07
CA GLN B 82 13.95 -1.36 8.04
C GLN B 82 15.34 -1.84 7.66
N GLY B 83 16.19 -2.03 8.67
CA GLY B 83 17.51 -2.57 8.48
C GLY B 83 18.45 -1.63 7.75
N ARG B 84 18.19 -0.32 7.82
CA ARG B 84 19.07 0.64 7.18
C ARG B 84 19.82 1.54 8.21
N GLY B 85 19.47 1.40 9.49
CA GLY B 85 20.09 2.18 10.54
C GLY B 85 19.83 3.67 10.39
N ILE B 86 18.70 4.08 9.82
CA ILE B 86 18.41 5.52 9.67
C ILE B 86 18.15 6.18 11.02
N THR B 87 18.76 7.34 11.31
CA THR B 87 18.54 7.97 12.62
C THR B 87 17.60 9.15 12.54
N MET B 88 17.31 9.78 13.69
CA MET B 88 16.51 10.98 13.68
C MET B 88 17.30 12.08 13.02
N HIS B 89 18.62 12.04 13.12
CA HIS B 89 19.47 13.02 12.47
C HIS B 89 19.22 13.00 10.97
N HIS B 90 19.20 11.80 10.40
CA HIS B 90 19.04 11.64 8.97
C HIS B 90 17.63 12.11 8.55
N PHE B 91 16.64 11.70 9.33
CA PHE B 91 15.25 12.05 9.01
C PHE B 91 15.09 13.55 8.97
N SER B 92 15.68 14.21 9.95
CA SER B 92 15.63 15.67 10.07
C SER B 92 16.27 16.36 8.90
N LEU B 93 17.46 15.93 8.50
CA LEU B 93 18.06 16.41 7.24
C LEU B 93 17.13 16.30 6.02
N VAL B 94 16.53 15.12 5.87
CA VAL B 94 15.63 14.82 4.78
C VAL B 94 14.42 15.76 4.86
N ALA B 95 13.89 15.94 6.06
CA ALA B 95 12.71 16.79 6.20
C ALA B 95 13.09 18.22 5.86
N GLY B 96 14.30 18.60 6.26
CA GLY B 96 14.83 19.90 5.93
C GLY B 96 14.97 20.10 4.46
N HIS B 97 15.45 19.08 3.75
CA HIS B 97 15.56 19.15 2.29
C HIS B 97 14.17 19.25 1.63
N LEU B 98 13.18 18.59 2.22
CA LEU B 98 11.84 18.68 1.69
C LEU B 98 11.30 20.09 1.90
N ALA B 99 11.51 20.64 3.08
CA ALA B 99 11.06 22.01 3.31
C ALA B 99 11.72 22.98 2.35
N ASP B 100 12.99 22.76 2.05
CA ASP B 100 13.72 23.62 1.11
C ASP B 100 13.16 23.54 -0.31
N ALA B 101 12.78 22.35 -0.72
CA ALA B 101 12.19 22.16 -2.04
C ALA B 101 10.82 22.82 -2.16
N LEU B 102 10.01 22.69 -1.11
CA LEU B 102 8.69 23.33 -1.11
C LEU B 102 8.87 24.87 -1.11
N THR B 103 9.87 25.37 -0.38
CA THR B 103 10.13 26.82 -0.34
C THR B 103 10.49 27.25 -1.73
N ALA B 104 11.40 26.51 -2.37
CA ALA B 104 11.79 26.83 -3.75
C ALA B 104 10.62 26.78 -4.73
N ALA B 105 9.61 25.98 -4.42
CA ALA B 105 8.44 25.85 -5.29
C ALA B 105 7.43 26.98 -5.08
N GLY B 106 7.69 27.82 -4.10
CA GLY B 106 6.80 28.93 -3.77
C GLY B 106 5.64 28.62 -2.84
N VAL B 107 5.64 27.45 -2.20
CA VAL B 107 4.60 27.08 -1.24
C VAL B 107 4.76 27.98 -0.01
N PRO B 108 3.71 28.71 0.35
CA PRO B 108 3.78 29.59 1.53
C PRO B 108 4.36 28.87 2.74
N SER B 109 5.04 29.57 3.64
CA SER B 109 5.66 28.95 4.85
C SER B 109 4.66 28.23 5.72
N GLU B 110 3.48 28.82 5.92
CA GLU B 110 2.48 28.19 6.77
C GLU B 110 2.03 26.80 6.27
N THR B 111 1.96 26.61 4.96
CA THR B 111 1.51 25.35 4.41
C THR B 111 2.66 24.33 4.49
N ILE B 112 3.89 24.83 4.34
CA ILE B 112 5.08 24.00 4.52
C ILE B 112 5.11 23.43 5.96
N THR B 113 4.74 24.29 6.89
CA THR B 113 4.58 23.90 8.26
C THR B 113 3.54 22.78 8.40
N GLU B 114 2.38 22.97 7.78
CA GLU B 114 1.30 21.99 7.80
C GLU B 114 1.78 20.66 7.25
N ILE B 115 2.43 20.72 6.09
CA ILE B 115 3.03 19.55 5.46
C ILE B 115 4.01 18.81 6.41
N LEU B 116 4.92 19.56 7.02
CA LEU B 116 5.87 18.96 7.98
C LEU B 116 5.17 18.28 9.16
N GLY B 117 4.00 18.78 9.52
CA GLY B 117 3.22 18.20 10.60
C GLY B 117 2.65 16.85 10.20
N VAL B 118 2.44 16.67 8.90
CA VAL B 118 1.94 15.39 8.42
C VAL B 118 3.14 14.43 8.27
N ILE B 119 4.27 14.96 7.84
CA ILE B 119 5.48 14.16 7.64
C ILE B 119 6.21 13.76 8.95
N ALA B 120 6.40 14.69 9.88
CA ALA B 120 7.21 14.42 11.09
C ALA B 120 6.86 13.13 11.86
N PRO B 121 5.57 12.85 12.01
CA PRO B 121 5.14 11.64 12.73
C PRO B 121 5.56 10.36 12.03
N LEU B 122 6.02 10.43 10.80
CA LEU B 122 6.43 9.24 10.09
C LEU B 122 7.81 8.77 10.53
N ALA B 123 8.49 9.60 11.30
CA ALA B 123 9.82 9.24 11.75
C ALA B 123 9.77 7.95 12.54
N VAL B 124 8.64 7.69 13.17
CA VAL B 124 8.55 6.48 14.00
C VAL B 124 8.69 5.24 13.16
N ASP B 125 8.18 5.28 11.92
CA ASP B 125 8.33 4.14 11.04
C ASP B 125 9.67 4.15 10.31
N VAL B 126 10.13 5.33 9.91
CA VAL B 126 11.33 5.41 9.10
C VAL B 126 12.61 5.14 9.89
N THR B 127 12.62 5.47 11.18
CA THR B 127 13.83 5.23 11.97
C THR B 127 13.61 4.04 12.93
P PO4 C . -5.02 -28.42 -10.61
O1 PO4 C . -3.59 -28.86 -10.38
O2 PO4 C . -5.86 -28.79 -9.41
O3 PO4 C . -5.03 -26.92 -10.78
O4 PO4 C . -5.58 -29.09 -11.87
P PO4 D . -10.14 5.49 3.72
O1 PO4 D . -9.63 5.25 5.12
O2 PO4 D . -10.80 4.25 3.15
O3 PO4 D . -11.15 6.61 3.77
O4 PO4 D . -8.98 5.87 2.82
CHA HEM E . -0.91 -22.54 -0.61
CHB HEM E . -4.47 -19.75 0.91
CHC HEM E . -1.55 -17.85 4.24
CHD HEM E . 2.16 -20.29 2.40
C1A HEM E . -2.11 -21.90 -0.50
C2A HEM E . -3.22 -22.15 -1.38
C3A HEM E . -4.21 -21.35 -0.98
C4A HEM E . -3.75 -20.65 0.21
CMA HEM E . -5.61 -21.24 -1.66
CAA HEM E . -3.23 -23.13 -2.58
CBA HEM E . -3.53 -24.55 -2.07
CGA HEM E . -3.54 -25.55 -3.21
O1A HEM E . -4.61 -26.17 -3.45
O2A HEM E . -2.50 -25.76 -3.86
C1B HEM E . -3.98 -19.02 1.96
C2B HEM E . -4.79 -18.14 2.77
C3B HEM E . -4.00 -17.59 3.69
C4B HEM E . -2.67 -18.16 3.52
CMB HEM E . -6.30 -17.83 2.57
CAB HEM E . -4.52 -16.61 4.75
CBB HEM E . -3.68 -15.90 5.52
C1C HEM E . -0.27 -18.35 4.03
C2C HEM E . 0.88 -18.05 4.85
C3C HEM E . 1.92 -18.64 4.26
C4C HEM E . 1.42 -19.45 3.16
CMC HEM E . 0.92 -16.99 5.98
CAC HEM E . 3.38 -18.63 4.78
CBC HEM E . 3.88 -17.44 5.16
C1D HEM E . 1.66 -21.05 1.37
C2D HEM E . 2.49 -21.80 0.46
C3D HEM E . 1.52 -22.44 -0.51
C4D HEM E . 0.21 -22.09 -0.01
CMD HEM E . 4.03 -21.83 0.40
CAD HEM E . 1.77 -23.39 -1.70
CBD HEM E . 2.51 -24.64 -1.23
CGD HEM E . 3.11 -25.21 -2.49
O1D HEM E . 4.33 -25.14 -2.70
O2D HEM E . 2.32 -25.68 -3.32
NA HEM E . -2.45 -21.00 0.49
NB HEM E . -2.70 -19.03 2.44
NC HEM E . 0.07 -19.27 3.05
ND HEM E . 0.31 -21.24 1.08
FE HEM E . -1.19 -20.12 1.76
O1 OXY F . -0.68 -18.54 0.31
O2 OXY F . -0.46 -17.41 0.65
P PO4 G . 15.17 -2.30 12.42
O1 PO4 G . 15.59 -1.48 11.22
O2 PO4 G . 14.44 -3.55 11.96
O3 PO4 G . 16.41 -2.67 13.19
O4 PO4 G . 14.26 -1.48 13.29
CHA HEM H . 12.38 4.39 -0.04
CHB HEM H . 9.31 7.62 1.73
CHC HEM H . 12.66 9.28 4.80
CHD HEM H . 15.89 6.51 2.50
C1A HEM H . 11.27 5.14 0.16
C2A HEM H . 10.03 5.01 -0.61
C3A HEM H . 9.17 5.90 -0.10
C4A HEM H . 9.85 6.62 0.96
CMA HEM H . 7.72 6.18 -0.56
CAA HEM H . 9.76 4.00 -1.76
CBA HEM H . 9.21 2.66 -1.26
CGA HEM H . 8.91 1.73 -2.42
O1A HEM H . 7.77 1.20 -2.49
O2A HEM H . 9.81 1.43 -3.25
C1B HEM H . 9.98 8.30 2.68
C2B HEM H . 9.34 9.26 3.56
C3B HEM H . 10.25 9.75 4.40
C4B HEM H . 11.50 9.06 4.13
CMB HEM H . 7.86 9.70 3.46
CAB HEM H . 9.98 10.81 5.49
CBB HEM H . 10.26 12.07 5.18
C1C HEM H . 13.83 8.62 4.45
C2C HEM H . 15.13 8.89 5.01
C3C HEM H . 16.00 8.05 4.42
C4C HEM H . 15.28 7.35 3.38
CMC HEM H . 15.43 9.74 6.28
CAC HEM H . 17.50 7.90 4.74
CBC HEM H . 18.19 8.91 5.28
C1D HEM H . 15.24 5.70 1.63
C2D HEM H . 15.90 4.61 0.98
C3D HEM H . 14.82 3.92 0.18
C4D HEM H . 13.60 4.68 0.47
CMD HEM H . 17.41 4.28 1.07
CAD HEM H . 14.94 2.69 -0.74
CBD HEM H . 15.22 3.11 -2.18
CGD HEM H . 15.24 1.83 -3.00
O1D HEM H . 14.19 1.38 -3.52
O2D HEM H . 16.35 1.27 -3.11
NA HEM H . 11.13 6.14 1.13
NB HEM H . 11.32 8.17 3.08
NC HEM H . 13.95 7.75 3.38
ND HEM H . 13.85 5.69 1.38
FE HEM H . 12.56 6.91 2.26
O1 OXY I . 13.06 8.08 0.63
O2 OXY I . 13.51 9.15 0.92
#